data_4QNM
#
_entry.id   4QNM
#
_cell.length_a   113.721
_cell.length_b   113.721
_cell.length_c   39.453
_cell.angle_alpha   90.000
_cell.angle_beta   90.000
_cell.angle_gamma   120.000
#
_symmetry.space_group_name_H-M   'P 65'
#
loop_
_entity.id
_entity.type
_entity.pdbx_description
1 polymer 'Psp operon transcriptional activator'
2 non-polymer '4-(2-HYDROXYETHYL)-1-PIPERAZINE ETHANESULFONIC ACID'
3 non-polymer GLYCEROL
4 water water
#
_entity_poly.entity_id   1
_entity_poly.type   'polypeptide(L)'
_entity_poly.pdbx_seq_one_letter_code
;MAEYKDNLLGEANSFLEVLEQVSHLAPLDKPVLIIGERGTGKELIASRLHYLSSRWQGPFISLNCAALNENLLDSELFGH
EAGAFTGAQKRHPGRFERADGGTLFLDQLATAPMMVQEKLLRVIEYGELERVGGSQPLQVNVRLVCATNADLPAMVNEGT
FRADLLDRLAFDVVQLPPLRERESDIMLMAEYFAIQMCREIKLPLFPGFTERARETLLNYRWPGNIRELKNVVERSVYRH
GTSDYPLDDIIIDPFKRRPPEDAIA
;
_entity_poly.pdbx_strand_id   A
#
# COMPACT_ATOMS: atom_id res chain seq x y z
N LEU A 9 3.42 9.61 2.57
CA LEU A 9 4.25 10.44 3.45
C LEU A 9 3.38 11.48 4.17
N GLY A 10 4.03 12.49 4.76
CA GLY A 10 3.34 13.57 5.46
C GLY A 10 3.73 13.68 6.94
N GLU A 11 3.14 14.64 7.66
CA GLU A 11 3.58 14.92 9.03
C GLU A 11 2.47 15.10 10.07
N ALA A 12 1.21 14.83 9.73
CA ALA A 12 0.13 14.90 10.72
C ALA A 12 0.44 13.91 11.83
N ASN A 13 -0.06 14.19 13.04
CA ASN A 13 0.23 13.35 14.19
C ASN A 13 -0.25 11.93 13.99
N SER A 14 -1.39 11.78 13.32
CA SER A 14 -1.93 10.45 13.05
C SER A 14 -0.99 9.65 12.14
N PHE A 15 -0.30 10.32 11.25
CA PHE A 15 0.69 9.64 10.42
C PHE A 15 1.98 9.36 11.19
N LEU A 16 2.42 10.31 12.02
CA LEU A 16 3.59 10.05 12.82
C LEU A 16 3.37 8.84 13.73
N GLU A 17 2.15 8.69 14.25
CA GLU A 17 1.80 7.55 15.10
C GLU A 17 1.97 6.23 14.34
N VAL A 18 1.58 6.23 13.06
CA VAL A 18 1.79 5.06 12.21
C VAL A 18 3.28 4.73 12.07
N LEU A 19 4.10 5.73 11.81
CA LEU A 19 5.54 5.48 11.69
C LEU A 19 6.13 4.90 12.97
N GLU A 20 5.67 5.40 14.11
CA GLU A 20 6.11 4.88 15.41
C GLU A 20 5.72 3.41 15.55
N GLN A 21 4.48 3.10 15.22
CA GLN A 21 3.98 1.73 15.27
C GLN A 21 4.81 0.81 14.37
N VAL A 22 5.14 1.30 13.18
CA VAL A 22 5.89 0.50 12.22
C VAL A 22 7.30 0.21 12.75
N SER A 23 7.91 1.18 13.43
CA SER A 23 9.24 0.93 13.98
C SER A 23 9.24 -0.16 15.05
N HIS A 24 8.15 -0.29 15.78
CA HIS A 24 8.07 -1.35 16.80
C HIS A 24 7.69 -2.70 16.21
N LEU A 25 6.89 -2.70 15.14
CA LEU A 25 6.45 -3.96 14.52
C LEU A 25 7.52 -4.58 13.62
N ALA A 26 8.35 -3.74 13.00
CA ALA A 26 9.29 -4.22 11.97
C ALA A 26 10.21 -5.36 12.45
N PRO A 27 10.78 -5.27 13.67
CA PRO A 27 11.70 -6.34 14.08
C PRO A 27 11.04 -7.70 14.37
N LEU A 28 9.72 -7.74 14.52
CA LEU A 28 9.02 -9.01 14.71
C LEU A 28 8.94 -9.86 13.43
N ASP A 29 8.82 -11.17 13.59
CA ASP A 29 8.55 -12.01 12.41
C ASP A 29 7.04 -12.22 12.18
N LYS A 30 6.22 -11.51 12.95
CA LYS A 30 4.78 -11.70 12.92
C LYS A 30 4.17 -11.03 11.71
N PRO A 31 3.08 -11.59 11.20
CA PRO A 31 2.41 -10.95 10.07
C PRO A 31 1.76 -9.64 10.47
N VAL A 32 1.72 -8.69 9.54
CA VAL A 32 1.16 -7.37 9.79
C VAL A 32 0.11 -7.09 8.72
N LEU A 33 -1.05 -6.59 9.12
CA LEU A 33 -2.12 -6.20 8.20
C LEU A 33 -2.16 -4.67 8.12
N ILE A 34 -2.12 -4.11 6.91
CA ILE A 34 -2.19 -2.66 6.69
C ILE A 34 -3.57 -2.35 6.11
N ILE A 35 -4.31 -1.46 6.75
CA ILE A 35 -5.64 -1.07 6.23
C ILE A 35 -5.55 0.35 5.73
N GLY A 36 -5.92 0.59 4.48
CA GLY A 36 -5.86 1.95 3.98
C GLY A 36 -6.42 2.07 2.58
N GLU A 37 -6.84 3.28 2.23
CA GLU A 37 -7.36 3.55 0.90
C GLU A 37 -6.26 3.62 -0.16
N ARG A 38 -6.64 3.62 -1.43
CA ARG A 38 -5.63 3.75 -2.48
C ARG A 38 -4.89 5.07 -2.32
N GLY A 39 -3.60 5.07 -2.61
CA GLY A 39 -2.80 6.28 -2.59
C GLY A 39 -2.39 6.75 -1.21
N THR A 40 -2.49 5.87 -0.21
CA THR A 40 -2.06 6.23 1.13
C THR A 40 -0.67 5.68 1.46
N GLY A 41 -0.05 4.96 0.53
CA GLY A 41 1.34 4.54 0.72
C GLY A 41 1.50 3.20 1.40
N LYS A 42 0.52 2.32 1.19
CA LYS A 42 0.58 0.99 1.79
C LYS A 42 1.84 0.21 1.40
N GLU A 43 2.27 0.27 0.14
CA GLU A 43 3.43 -0.53 -0.25
C GLU A 43 4.70 0.10 0.32
N LEU A 44 4.72 1.42 0.48
CA LEU A 44 5.85 2.07 1.12
C LEU A 44 5.95 1.69 2.60
N ILE A 45 4.81 1.55 3.26
CA ILE A 45 4.80 1.11 4.66
C ILE A 45 5.27 -0.35 4.73
N ALA A 46 4.83 -1.17 3.78
CA ALA A 46 5.29 -2.55 3.77
C ALA A 46 6.81 -2.62 3.57
N SER A 47 7.33 -1.78 2.68
CA SER A 47 8.75 -1.73 2.41
C SER A 47 9.51 -1.29 3.67
N ARG A 48 8.92 -0.37 4.42
CA ARG A 48 9.58 0.12 5.64
C ARG A 48 9.62 -0.97 6.71
N LEU A 49 8.55 -1.75 6.81
CA LEU A 49 8.57 -2.93 7.70
C LEU A 49 9.74 -3.84 7.38
N HIS A 50 9.96 -4.09 6.08
CA HIS A 50 11.06 -4.95 5.66
C HIS A 50 12.42 -4.34 6.01
N TYR A 51 12.62 -3.10 5.63
CA TYR A 51 13.96 -2.54 5.75
C TYR A 51 14.33 -2.18 7.19
N LEU A 52 13.35 -2.07 8.09
CA LEU A 52 13.65 -1.88 9.51
C LEU A 52 13.67 -3.21 10.26
N SER A 53 13.52 -4.31 9.54
CA SER A 53 13.53 -5.63 10.18
C SER A 53 14.90 -6.26 10.09
N SER A 54 15.07 -7.40 10.74
CA SER A 54 16.32 -8.13 10.65
C SER A 54 16.49 -8.78 9.27
N ARG A 55 15.41 -8.78 8.49
CA ARG A 55 15.41 -9.37 7.14
C ARG A 55 15.82 -8.43 6.03
N TRP A 56 16.30 -7.24 6.37
CA TRP A 56 16.46 -6.15 5.41
C TRP A 56 17.37 -6.49 4.22
N GLN A 57 18.33 -7.40 4.41
CA GLN A 57 19.19 -7.80 3.30
C GLN A 57 18.56 -8.90 2.46
N GLY A 58 17.43 -9.44 2.92
CA GLY A 58 16.68 -10.41 2.16
C GLY A 58 15.81 -9.79 1.09
N PRO A 59 15.10 -10.63 0.32
CA PRO A 59 14.23 -10.16 -0.77
C PRO A 59 12.97 -9.48 -0.26
N PHE A 60 12.52 -8.45 -0.97
CA PHE A 60 11.20 -7.85 -0.73
C PHE A 60 10.38 -8.07 -1.98
N ILE A 61 9.36 -8.92 -1.87
CA ILE A 61 8.56 -9.35 -3.01
C ILE A 61 7.12 -8.87 -2.81
N SER A 62 6.48 -8.38 -3.88
CA SER A 62 5.11 -7.89 -3.83
C SER A 62 4.21 -8.69 -4.78
N LEU A 63 2.93 -8.74 -4.45
CA LEU A 63 1.93 -9.32 -5.37
C LEU A 63 0.60 -8.65 -5.10
N ASN A 64 -0.07 -8.21 -6.16
CA ASN A 64 -1.44 -7.68 -6.04
C ASN A 64 -2.44 -8.79 -6.35
N CYS A 65 -3.19 -9.19 -5.32
CA CYS A 65 -4.11 -10.31 -5.43
C CYS A 65 -5.26 -10.02 -6.38
N ALA A 66 -5.60 -8.75 -6.53
CA ALA A 66 -6.77 -8.39 -7.32
C ALA A 66 -6.51 -8.51 -8.82
N ALA A 67 -5.23 -8.53 -9.18
CA ALA A 67 -4.83 -8.39 -10.58
C ALA A 67 -4.95 -9.69 -11.38
N LEU A 68 -4.94 -10.83 -10.70
CA LEU A 68 -4.87 -12.14 -11.36
C LEU A 68 -6.15 -12.93 -11.17
N ASN A 69 -6.56 -13.70 -12.17
CA ASN A 69 -7.66 -14.62 -11.94
C ASN A 69 -7.21 -15.76 -11.02
N GLU A 70 -8.15 -16.58 -10.58
CA GLU A 70 -7.89 -17.53 -9.50
C GLU A 70 -6.78 -18.54 -9.81
N ASN A 71 -6.78 -19.14 -10.99
CA ASN A 71 -5.75 -20.12 -11.32
C ASN A 71 -4.38 -19.49 -11.43
N LEU A 72 -4.31 -18.30 -12.01
CA LEU A 72 -3.05 -17.59 -12.17
C LEU A 72 -2.54 -17.12 -10.80
N LEU A 73 -3.45 -16.66 -9.95
CA LEU A 73 -3.05 -16.22 -8.59
C LEU A 73 -2.45 -17.38 -7.81
N ASP A 74 -3.13 -18.52 -7.88
CA ASP A 74 -2.67 -19.73 -7.23
C ASP A 74 -1.25 -20.10 -7.68
N SER A 75 -1.01 -20.11 -8.99
CA SER A 75 0.31 -20.47 -9.50
CA SER A 75 0.31 -20.46 -9.51
C SER A 75 1.36 -19.39 -9.17
N GLU A 76 0.96 -18.13 -9.18
CA GLU A 76 1.91 -17.06 -8.91
C GLU A 76 2.34 -17.03 -7.44
N LEU A 77 1.44 -17.42 -6.54
CA LEU A 77 1.76 -17.39 -5.13
CA LEU A 77 1.74 -17.41 -5.11
C LEU A 77 2.49 -18.66 -4.67
N PHE A 78 1.99 -19.82 -5.11
CA PHE A 78 2.49 -21.10 -4.60
C PHE A 78 3.37 -21.88 -5.55
N GLY A 79 3.50 -21.37 -6.77
CA GLY A 79 4.35 -21.97 -7.79
C GLY A 79 3.61 -23.10 -8.49
N HIS A 80 4.25 -23.71 -9.49
CA HIS A 80 3.71 -24.93 -10.08
C HIS A 80 4.80 -25.76 -10.74
N GLU A 81 4.54 -27.07 -10.84
CA GLU A 81 5.44 -28.05 -11.44
C GLU A 81 6.79 -28.07 -10.73
N ARG A 91 10.04 -25.63 -13.80
CA ARG A 91 9.35 -25.16 -12.61
C ARG A 91 9.16 -23.66 -12.64
N HIS A 92 7.99 -23.20 -12.19
CA HIS A 92 7.76 -21.77 -11.99
C HIS A 92 7.67 -21.51 -10.51
N PRO A 93 8.75 -20.96 -9.91
CA PRO A 93 8.71 -20.70 -8.47
C PRO A 93 7.71 -19.60 -8.16
N GLY A 94 6.94 -19.76 -7.09
CA GLY A 94 5.95 -18.75 -6.75
C GLY A 94 6.56 -17.65 -5.90
N ARG A 95 5.74 -16.68 -5.53
CA ARG A 95 6.22 -15.53 -4.76
C ARG A 95 6.71 -15.91 -3.35
N PHE A 96 6.14 -16.95 -2.74
CA PHE A 96 6.59 -17.40 -1.43
C PHE A 96 8.03 -17.89 -1.51
N GLU A 97 8.32 -18.68 -2.55
CA GLU A 97 9.69 -19.17 -2.75
C GLU A 97 10.67 -18.04 -2.99
N ARG A 98 10.26 -17.09 -3.81
CA ARG A 98 11.11 -15.96 -4.15
C ARG A 98 11.35 -15.03 -2.97
N ALA A 99 10.46 -15.10 -1.97
CA ALA A 99 10.59 -14.23 -0.79
C ALA A 99 11.27 -14.93 0.39
N ASP A 100 11.72 -16.17 0.19
CA ASP A 100 12.36 -16.96 1.24
C ASP A 100 13.50 -16.16 1.89
N GLY A 101 13.48 -16.05 3.21
CA GLY A 101 14.47 -15.26 3.95
C GLY A 101 14.16 -13.77 3.96
N GLY A 102 13.06 -13.38 3.33
CA GLY A 102 12.68 -11.98 3.25
C GLY A 102 11.23 -11.74 3.59
N THR A 103 10.61 -10.80 2.90
CA THR A 103 9.27 -10.35 3.21
C THR A 103 8.40 -10.42 1.96
N LEU A 104 7.17 -10.91 2.09
CA LEU A 104 6.22 -10.93 0.99
C LEU A 104 5.06 -9.99 1.29
N PHE A 105 4.80 -9.04 0.40
CA PHE A 105 3.72 -8.09 0.55
C PHE A 105 2.57 -8.50 -0.37
N LEU A 106 1.42 -8.81 0.22
CA LEU A 106 0.22 -9.16 -0.56
C LEU A 106 -0.78 -8.02 -0.51
N ASP A 107 -0.98 -7.35 -1.64
CA ASP A 107 -1.90 -6.21 -1.69
C ASP A 107 -3.28 -6.68 -2.14
N GLN A 108 -4.30 -5.92 -1.75
CA GLN A 108 -5.71 -6.21 -2.06
C GLN A 108 -6.08 -7.62 -1.62
N LEU A 109 -5.73 -7.93 -0.38
CA LEU A 109 -5.92 -9.27 0.17
C LEU A 109 -7.36 -9.74 0.12
N ALA A 110 -8.30 -8.83 0.26
CA ALA A 110 -9.71 -9.23 0.39
C ALA A 110 -10.25 -9.81 -0.90
N THR A 111 -9.54 -9.60 -2.01
CA THR A 111 -9.97 -10.16 -3.29
C THR A 111 -9.49 -11.58 -3.53
N ALA A 112 -8.68 -12.11 -2.62
CA ALA A 112 -8.20 -13.49 -2.79
C ALA A 112 -9.35 -14.47 -2.71
N PRO A 113 -9.45 -15.38 -3.68
CA PRO A 113 -10.50 -16.40 -3.66
C PRO A 113 -10.36 -17.29 -2.44
N MET A 114 -11.46 -17.90 -2.03
CA MET A 114 -11.44 -18.70 -0.81
C MET A 114 -10.47 -19.89 -0.90
N MET A 115 -10.26 -20.44 -2.10
CA MET A 115 -9.25 -21.48 -2.25
C MET A 115 -7.85 -20.98 -1.87
N VAL A 116 -7.53 -19.77 -2.32
CA VAL A 116 -6.22 -19.21 -2.07
C VAL A 116 -6.08 -18.86 -0.58
N GLN A 117 -7.17 -18.43 0.05
CA GLN A 117 -7.15 -18.10 1.47
C GLN A 117 -6.80 -19.32 2.33
N GLU A 118 -7.41 -20.46 2.03
CA GLU A 118 -7.15 -21.64 2.84
C GLU A 118 -5.71 -22.11 2.63
N LYS A 119 -5.23 -22.06 1.39
CA LYS A 119 -3.85 -22.44 1.09
C LYS A 119 -2.86 -21.50 1.76
N LEU A 120 -3.21 -20.22 1.83
CA LEU A 120 -2.38 -19.24 2.51
CA LEU A 120 -2.37 -19.25 2.51
C LEU A 120 -2.24 -19.58 3.99
N LEU A 121 -3.34 -20.01 4.61
CA LEU A 121 -3.32 -20.38 6.02
C LEU A 121 -2.47 -21.63 6.23
N ARG A 122 -2.53 -22.55 5.28
CA ARG A 122 -1.72 -23.77 5.35
C ARG A 122 -0.24 -23.44 5.40
N VAL A 123 0.19 -22.55 4.52
CA VAL A 123 1.60 -22.15 4.45
C VAL A 123 2.03 -21.40 5.71
N ILE A 124 1.14 -20.57 6.24
CA ILE A 124 1.45 -19.76 7.41
C ILE A 124 1.68 -20.59 8.66
N GLU A 125 0.74 -21.46 8.98
CA GLU A 125 0.81 -22.23 10.21
C GLU A 125 1.77 -23.41 10.12
N TYR A 126 1.91 -23.97 8.91
CA TYR A 126 2.78 -25.13 8.71
C TYR A 126 4.14 -24.75 8.12
N GLY A 127 4.23 -23.57 7.51
CA GLY A 127 5.50 -23.06 7.01
C GLY A 127 6.11 -23.81 5.86
N GLU A 128 5.28 -24.36 4.98
CA GLU A 128 5.78 -25.08 3.82
C GLU A 128 4.76 -25.17 2.68
N LEU A 129 5.28 -25.30 1.47
CA LEU A 129 4.45 -25.46 0.27
C LEU A 129 4.36 -26.92 -0.12
N GLU A 130 3.22 -27.32 -0.66
CA GLU A 130 3.02 -28.71 -1.08
C GLU A 130 3.26 -28.87 -2.58
N ARG A 131 3.94 -29.95 -2.95
CA ARG A 131 4.27 -30.21 -4.35
C ARG A 131 3.30 -31.22 -4.97
N VAL A 132 3.18 -31.17 -6.29
CA VAL A 132 2.25 -32.02 -7.03
C VAL A 132 2.58 -33.51 -6.86
N GLY A 133 3.47 -34.03 -7.71
CA GLY A 133 3.82 -35.44 -7.67
C GLY A 133 5.29 -35.70 -7.89
N GLY A 134 5.90 -36.43 -6.97
CA GLY A 134 7.31 -36.73 -7.04
C GLY A 134 8.12 -35.76 -6.19
N SER A 135 7.79 -34.48 -6.29
CA SER A 135 8.47 -33.44 -5.54
C SER A 135 8.05 -33.43 -4.08
N GLN A 136 9.04 -33.37 -3.18
CA GLN A 136 8.75 -33.20 -1.76
C GLN A 136 8.37 -31.75 -1.49
N PRO A 137 7.59 -31.52 -0.42
CA PRO A 137 7.13 -30.17 -0.06
C PRO A 137 8.30 -29.21 0.15
N LEU A 138 8.03 -27.92 -0.03
CA LEU A 138 9.05 -26.89 0.12
C LEU A 138 8.85 -26.09 1.39
N GLN A 139 9.86 -26.08 2.26
CA GLN A 139 9.83 -25.27 3.47
C GLN A 139 10.18 -23.82 3.12
N VAL A 140 9.41 -22.88 3.64
CA VAL A 140 9.64 -21.47 3.36
C VAL A 140 9.68 -20.63 4.63
N ASN A 141 10.49 -19.57 4.61
CA ASN A 141 10.68 -18.73 5.77
C ASN A 141 10.43 -17.28 5.37
N VAL A 142 9.18 -16.84 5.46
CA VAL A 142 8.77 -15.58 4.85
C VAL A 142 8.02 -14.74 5.86
N ARG A 143 8.37 -13.46 5.97
CA ARG A 143 7.60 -12.57 6.83
C ARG A 143 6.49 -11.98 5.97
N LEU A 144 5.25 -12.07 6.42
CA LEU A 144 4.12 -11.63 5.60
C LEU A 144 3.59 -10.25 5.98
N VAL A 145 3.37 -9.40 4.99
CA VAL A 145 2.66 -8.14 5.21
C VAL A 145 1.51 -8.07 4.20
N CYS A 146 0.30 -7.81 4.65
CA CYS A 146 -0.81 -7.74 3.68
C CYS A 146 -1.51 -6.41 3.79
N ALA A 147 -2.21 -6.03 2.71
CA ALA A 147 -2.96 -4.77 2.73
C ALA A 147 -4.33 -4.91 2.12
N THR A 148 -5.27 -4.10 2.59
CA THR A 148 -6.63 -4.07 2.05
C THR A 148 -7.32 -2.77 2.46
N ASN A 149 -8.41 -2.38 1.77
CA ASN A 149 -9.30 -1.38 2.38
C ASN A 149 -10.69 -1.95 2.69
N ALA A 150 -10.84 -3.26 2.60
CA ALA A 150 -12.10 -3.88 2.95
C ALA A 150 -12.29 -3.95 4.47
N ASP A 151 -13.53 -4.13 4.91
CA ASP A 151 -13.87 -4.44 6.29
C ASP A 151 -13.82 -5.97 6.45
N LEU A 152 -12.66 -6.49 6.85
CA LEU A 152 -12.47 -7.94 6.89
C LEU A 152 -13.39 -8.62 7.91
N PRO A 153 -13.56 -8.03 9.11
CA PRO A 153 -14.56 -8.64 9.99
C PRO A 153 -15.96 -8.72 9.38
N ALA A 154 -16.35 -7.74 8.56
CA ALA A 154 -17.64 -7.81 7.89
C ALA A 154 -17.65 -8.95 6.88
N MET A 155 -16.54 -9.13 6.18
CA MET A 155 -16.45 -10.21 5.23
C MET A 155 -16.47 -11.58 5.90
N VAL A 156 -15.88 -11.69 7.08
CA VAL A 156 -15.94 -12.95 7.82
C VAL A 156 -17.40 -13.30 8.15
N ASN A 157 -18.17 -12.30 8.57
CA ASN A 157 -19.57 -12.57 8.90
C ASN A 157 -20.35 -13.01 7.67
N GLU A 158 -20.00 -12.47 6.51
CA GLU A 158 -20.65 -12.82 5.24
C GLU A 158 -20.22 -14.16 4.69
N GLY A 159 -19.09 -14.67 5.18
CA GLY A 159 -18.56 -15.94 4.70
C GLY A 159 -17.67 -15.80 3.48
N THR A 160 -17.25 -14.58 3.17
CA THR A 160 -16.37 -14.33 2.04
C THR A 160 -14.90 -14.12 2.42
N PHE A 161 -14.59 -14.16 3.71
CA PHE A 161 -13.19 -14.17 4.14
C PHE A 161 -13.09 -15.18 5.27
N ARG A 162 -12.02 -15.95 5.30
CA ARG A 162 -11.88 -17.02 6.30
C ARG A 162 -11.55 -16.45 7.67
N ALA A 163 -12.37 -16.80 8.65
CA ALA A 163 -12.14 -16.37 10.03
C ALA A 163 -10.82 -16.92 10.56
N ASP A 164 -10.53 -18.20 10.31
CA ASP A 164 -9.27 -18.75 10.82
C ASP A 164 -8.05 -18.07 10.21
N LEU A 165 -8.12 -17.66 8.95
CA LEU A 165 -7.03 -16.91 8.35
C LEU A 165 -6.84 -15.56 9.01
N LEU A 166 -7.95 -14.87 9.28
CA LEU A 166 -7.89 -13.57 9.93
C LEU A 166 -7.38 -13.69 11.36
N ASP A 167 -7.75 -14.78 12.05
CA ASP A 167 -7.28 -15.02 13.41
C ASP A 167 -5.75 -15.10 13.45
N ARG A 168 -5.17 -15.41 12.30
CA ARG A 168 -3.74 -15.67 12.17
C ARG A 168 -2.98 -14.49 11.53
N LEU A 169 -3.53 -13.92 10.45
CA LEU A 169 -2.88 -12.84 9.72
C LEU A 169 -2.82 -11.54 10.48
N ALA A 170 -3.88 -11.26 11.21
CA ALA A 170 -4.00 -9.97 11.89
C ALA A 170 -3.33 -10.00 13.27
N PHE A 171 -2.03 -10.27 13.31
CA PHE A 171 -1.31 -10.18 14.60
C PHE A 171 -1.44 -8.76 15.10
N ASP A 172 -1.20 -7.80 14.23
CA ASP A 172 -1.56 -6.45 14.56
C ASP A 172 -1.90 -5.71 13.28
N VAL A 173 -2.49 -4.54 13.45
CA VAL A 173 -3.10 -3.80 12.34
C VAL A 173 -2.56 -2.39 12.30
N VAL A 174 -2.08 -1.98 11.13
CA VAL A 174 -1.64 -0.61 10.88
C VAL A 174 -2.70 0.10 10.07
N GLN A 175 -3.28 1.17 10.60
CA GLN A 175 -4.37 1.85 9.89
C GLN A 175 -3.87 3.17 9.33
N LEU A 176 -3.87 3.28 8.01
CA LEU A 176 -3.35 4.49 7.37
C LEU A 176 -4.46 5.51 7.25
N PRO A 177 -4.22 6.73 7.74
CA PRO A 177 -5.27 7.76 7.67
C PRO A 177 -5.40 8.31 6.26
N PRO A 178 -6.63 8.49 5.78
CA PRO A 178 -6.81 9.08 4.45
C PRO A 178 -6.47 10.56 4.51
N LEU A 179 -6.17 11.15 3.37
CA LEU A 179 -5.75 12.53 3.32
C LEU A 179 -6.79 13.48 3.89
N ARG A 180 -8.07 13.17 3.70
CA ARG A 180 -9.15 14.05 4.17
C ARG A 180 -9.23 14.10 5.71
N GLU A 181 -8.58 13.15 6.38
CA GLU A 181 -8.53 13.12 7.83
C GLU A 181 -7.20 13.66 8.35
N ARG A 182 -6.36 14.12 7.42
CA ARG A 182 -5.07 14.73 7.74
C ARG A 182 -5.02 16.11 7.12
N GLU A 183 -6.05 16.92 7.37
CA GLU A 183 -6.23 18.17 6.63
C GLU A 183 -5.00 19.07 6.71
N SER A 184 -4.29 19.01 7.83
CA SER A 184 -3.09 19.83 8.02
C SER A 184 -1.96 19.45 7.06
N ASP A 185 -2.00 18.21 6.56
CA ASP A 185 -0.99 17.70 5.64
C ASP A 185 -1.29 18.12 4.18
N ILE A 186 -2.54 18.47 3.89
CA ILE A 186 -2.90 18.71 2.48
C ILE A 186 -2.11 19.89 1.92
N MET A 187 -2.07 21.03 2.62
CA MET A 187 -1.39 22.18 2.01
C MET A 187 0.13 21.98 2.05
N LEU A 188 0.63 21.27 3.06
CA LEU A 188 2.05 20.94 3.12
CA LEU A 188 2.07 20.99 3.10
C LEU A 188 2.52 20.13 1.92
N MET A 189 1.77 19.06 1.64
CA MET A 189 2.14 18.21 0.52
C MET A 189 1.82 18.89 -0.81
N ALA A 190 0.74 19.66 -0.88
CA ALA A 190 0.46 20.37 -2.13
C ALA A 190 1.60 21.32 -2.47
N GLU A 191 2.10 22.05 -1.47
CA GLU A 191 3.22 22.95 -1.73
C GLU A 191 4.47 22.19 -2.20
N TYR A 192 4.74 21.05 -1.57
CA TYR A 192 5.89 20.24 -1.96
C TYR A 192 5.76 19.77 -3.42
N PHE A 193 4.60 19.23 -3.80
CA PHE A 193 4.42 18.75 -5.17
C PHE A 193 4.45 19.89 -6.17
N ALA A 194 3.98 21.06 -5.76
CA ALA A 194 3.94 22.22 -6.65
C ALA A 194 5.36 22.68 -6.92
N ILE A 195 6.18 22.74 -5.87
CA ILE A 195 7.57 23.14 -6.03
C ILE A 195 8.35 22.20 -6.95
N GLN A 196 8.15 20.90 -6.78
CA GLN A 196 8.80 19.93 -7.66
C GLN A 196 8.34 20.09 -9.10
N MET A 197 7.05 20.38 -9.33
CA MET A 197 6.60 20.60 -10.70
C MET A 197 7.20 21.89 -11.27
N CYS A 198 7.36 22.92 -10.43
CA CYS A 198 8.02 24.13 -10.91
C CYS A 198 9.45 23.83 -11.41
N ARG A 199 10.18 22.95 -10.71
CA ARG A 199 11.52 22.57 -11.16
C ARG A 199 11.45 21.84 -12.48
N GLU A 200 10.51 20.90 -12.60
CA GLU A 200 10.33 20.14 -13.83
C GLU A 200 10.06 21.00 -15.07
N ILE A 201 9.23 22.03 -14.93
CA ILE A 201 8.92 22.89 -16.06
C ILE A 201 9.68 24.23 -16.06
N LYS A 202 10.70 24.32 -15.21
CA LYS A 202 11.67 25.42 -15.21
C LYS A 202 11.07 26.80 -14.86
N LEU A 203 10.09 26.82 -13.97
CA LEU A 203 9.62 28.07 -13.39
C LEU A 203 10.58 28.51 -12.29
N PRO A 204 10.89 29.82 -12.22
CA PRO A 204 11.89 30.27 -11.24
C PRO A 204 11.44 30.13 -9.79
N LEU A 205 10.14 30.18 -9.52
CA LEU A 205 9.63 30.16 -8.15
C LEU A 205 8.18 29.69 -8.16
N PHE A 206 7.77 28.92 -7.16
CA PHE A 206 6.35 28.63 -7.03
C PHE A 206 5.67 29.88 -6.47
N PRO A 207 4.66 30.43 -7.18
CA PRO A 207 4.12 31.74 -6.77
C PRO A 207 3.04 31.68 -5.70
N GLY A 208 2.75 30.48 -5.22
CA GLY A 208 1.81 30.30 -4.12
C GLY A 208 0.41 29.90 -4.56
N PHE A 209 -0.41 29.59 -3.58
CA PHE A 209 -1.82 29.27 -3.80
C PHE A 209 -2.72 30.40 -3.31
N THR A 210 -3.68 30.81 -4.12
CA THR A 210 -4.71 31.73 -3.66
C THR A 210 -5.62 31.11 -2.61
N GLU A 211 -6.39 31.94 -1.93
CA GLU A 211 -7.33 31.42 -0.96
C GLU A 211 -8.38 30.54 -1.67
N ARG A 212 -8.77 30.90 -2.89
CA ARG A 212 -9.73 30.08 -3.67
C ARG A 212 -9.13 28.69 -3.92
N ALA A 213 -7.86 28.67 -4.29
CA ALA A 213 -7.17 27.39 -4.55
C ALA A 213 -7.12 26.56 -3.28
N ARG A 214 -6.82 27.21 -2.15
CA ARG A 214 -6.73 26.51 -0.90
C ARG A 214 -8.08 25.94 -0.50
N GLU A 215 -9.16 26.70 -0.73
CA GLU A 215 -10.50 26.18 -0.44
C GLU A 215 -10.79 24.93 -1.27
N THR A 216 -10.44 24.99 -2.55
CA THR A 216 -10.68 23.87 -3.46
C THR A 216 -9.93 22.64 -2.98
N LEU A 217 -8.65 22.82 -2.65
CA LEU A 217 -7.84 21.71 -2.15
C LEU A 217 -8.35 21.10 -0.84
N LEU A 218 -8.76 21.96 0.08
CA LEU A 218 -9.10 21.50 1.42
C LEU A 218 -10.52 20.95 1.50
N ASN A 219 -11.36 21.35 0.56
CA ASN A 219 -12.75 20.89 0.58
C ASN A 219 -12.93 19.56 -0.15
N TYR A 220 -12.02 19.24 -1.06
CA TYR A 220 -12.13 18.00 -1.84
C TYR A 220 -11.82 16.77 -0.97
N ARG A 221 -12.49 15.65 -1.26
CA ARG A 221 -12.35 14.51 -0.37
C ARG A 221 -11.16 13.58 -0.70
N TRP A 222 -10.48 13.82 -1.83
CA TRP A 222 -9.28 13.03 -2.23
C TRP A 222 -9.45 11.51 -2.16
N PRO A 223 -10.39 10.98 -2.97
CA PRO A 223 -10.55 9.51 -3.00
C PRO A 223 -9.27 8.77 -3.38
N GLY A 224 -8.38 9.44 -4.14
CA GLY A 224 -7.10 8.87 -4.51
C GLY A 224 -5.93 9.31 -3.66
N ASN A 225 -6.26 10.03 -2.60
CA ASN A 225 -5.31 10.43 -1.57
C ASN A 225 -4.02 11.03 -2.13
N ILE A 226 -2.85 10.59 -1.65
CA ILE A 226 -1.60 11.31 -1.98
C ILE A 226 -1.25 11.24 -3.48
N ARG A 227 -1.49 10.09 -4.11
CA ARG A 227 -1.22 9.95 -5.55
C ARG A 227 -2.08 10.94 -6.35
N GLU A 228 -3.36 11.05 -5.99
CA GLU A 228 -4.27 11.97 -6.67
C GLU A 228 -3.85 13.45 -6.41
N LEU A 229 -3.48 13.75 -5.17
CA LEU A 229 -3.03 15.10 -4.84
C LEU A 229 -1.84 15.51 -5.69
N LYS A 230 -0.86 14.60 -5.83
CA LYS A 230 0.31 14.90 -6.67
C LYS A 230 -0.12 15.20 -8.12
N ASN A 231 -1.00 14.36 -8.68
CA ASN A 231 -1.41 14.58 -10.08
C ASN A 231 -2.18 15.87 -10.30
N VAL A 232 -3.12 16.16 -9.40
CA VAL A 232 -3.94 17.36 -9.48
C VAL A 232 -3.06 18.60 -9.38
N VAL A 233 -2.13 18.57 -8.42
CA VAL A 233 -1.27 19.75 -8.26
C VAL A 233 -0.29 19.93 -9.43
N GLU A 234 0.30 18.85 -9.93
CA GLU A 234 1.20 18.95 -11.08
C GLU A 234 0.46 19.48 -12.30
N ARG A 235 -0.72 18.94 -12.57
CA ARG A 235 -1.52 19.43 -13.70
C ARG A 235 -1.84 20.91 -13.52
N SER A 236 -2.20 21.31 -12.31
CA SER A 236 -2.62 22.70 -12.05
C SER A 236 -1.46 23.66 -12.25
N VAL A 237 -0.27 23.27 -11.77
CA VAL A 237 0.93 24.12 -11.93
C VAL A 237 1.29 24.27 -13.41
N TYR A 238 1.20 23.17 -14.17
CA TYR A 238 1.52 23.22 -15.59
C TYR A 238 0.52 24.13 -16.35
N ARG A 239 -0.77 23.99 -16.07
CA ARG A 239 -1.78 24.79 -16.77
C ARG A 239 -1.65 26.26 -16.43
N HIS A 240 -1.28 26.53 -15.19
CA HIS A 240 -1.03 27.91 -14.75
C HIS A 240 0.17 28.51 -15.48
N GLY A 241 1.32 27.83 -15.40
CA GLY A 241 2.47 28.06 -16.26
C GLY A 241 3.24 29.35 -16.08
N THR A 242 3.07 30.00 -14.93
CA THR A 242 3.77 31.26 -14.69
C THR A 242 4.13 31.45 -13.24
N SER A 243 5.21 32.20 -12.98
CA SER A 243 5.57 32.59 -11.62
C SER A 243 5.10 34.02 -11.32
N ASP A 244 4.43 34.66 -12.28
CA ASP A 244 4.08 36.10 -12.16
C ASP A 244 2.89 36.39 -11.25
N TYR A 245 2.04 35.41 -11.01
CA TYR A 245 0.96 35.58 -10.03
C TYR A 245 0.60 34.22 -9.47
N PRO A 246 -0.11 34.19 -8.33
CA PRO A 246 -0.39 32.93 -7.62
C PRO A 246 -1.34 32.03 -8.37
N LEU A 247 -1.15 30.74 -8.11
CA LEU A 247 -2.00 29.73 -8.70
CA LEU A 247 -1.99 29.71 -8.68
C LEU A 247 -3.39 29.78 -8.08
N ASP A 248 -4.40 30.00 -8.91
CA ASP A 248 -5.80 30.16 -8.48
C ASP A 248 -6.70 28.97 -8.87
N ASP A 249 -6.40 28.35 -10.01
CA ASP A 249 -7.28 27.33 -10.61
C ASP A 249 -6.74 25.93 -10.38
N ILE A 250 -7.35 25.23 -9.43
CA ILE A 250 -6.99 23.84 -9.15
C ILE A 250 -7.86 22.94 -10.04
N ILE A 251 -7.20 22.18 -10.90
CA ILE A 251 -7.92 21.34 -11.87
C ILE A 251 -8.05 19.92 -11.33
N ILE A 252 -9.11 19.68 -10.56
CA ILE A 252 -9.35 18.36 -9.96
C ILE A 252 -9.75 17.35 -11.03
N ASP A 253 -10.57 17.80 -11.97
CA ASP A 253 -11.19 16.89 -12.96
C ASP A 253 -10.81 17.29 -14.37
N PRO A 254 -9.85 16.58 -15.00
CA PRO A 254 -9.44 17.02 -16.33
C PRO A 254 -10.41 16.55 -17.42
N PHE A 255 -11.39 15.77 -17.03
CA PHE A 255 -12.39 15.26 -18.00
C PHE A 255 -13.52 16.27 -18.19
#